data_1YSH
#
_entry.id   1YSH
#
_symmetry.space_group_name_H-M   'P 1'
#
loop_
_entity.id
_entity.type
_entity.pdbx_description
1 polymer 'RNA (28-MER)'
2 polymer 'RNA (34-MER)'
3 polymer 'RNA (101-MER)'
4 polymer 'ribosomal protein L30'
5 polymer 'ribosomal protein L37a'
6 polymer '40S RIBOSOMAL PROTEIN S13'
#
loop_
_entity_poly.entity_id
_entity_poly.type
_entity_poly.pdbx_seq_one_letter_code
_entity_poly.pdbx_strand_id
1 'polyribonucleotide' GAUGAAGCGUGCCGAAAGGCACGUGGAA A
2 'polyribonucleotide' CAACUCCGUGGAAGCCGUAAUGGCAGGAAGCGGA F
3 'polyribonucleotide'
;UAGACGGUGGGAGAGGGUGGUGGAAUUCCCGGAGUAGCGGUGAAAUGCGCAGAUACCGGGAGGAACGCCGAUGGCGAAGG
CAGCCACCUGGUCCACCCGUG
;
B
4 'polypeptide(L)'
;KAKKSGENINNKLQLVMKSGKYTLGYKTVLKTLRSSKGKLIILANNCPPLRKSEIEYYAMLAKISVHHFHGNNVDLGTAC
GKYYRVCCLSILDPGDSDIISTTT
;
C
5 'polypeptide(L)' IVGKYGTRYGASLRKQIKKMEVSQHSKYFCEFCGKFAVKRKAVGIWGCKDCGKVKAGGAYTMNTASAVTVRST D
6 'polypeptide(L)'
;SVTGSKILRILKAHGLAPEIPEDLYFLIKKAVAIRKHLERNRKDKDSKFRLILVESRIHRLARYYKRTKKLPPTWKYEST
TAST
;
E
#
loop_
_chem_comp.id
_chem_comp.type
_chem_comp.name
_chem_comp.formula
A RNA linking ADENOSINE-5'-MONOPHOSPHATE 'C10 H14 N5 O7 P'
C RNA linking CYTIDINE-5'-MONOPHOSPHATE 'C9 H14 N3 O8 P'
G RNA linking GUANOSINE-5'-MONOPHOSPHATE 'C10 H14 N5 O8 P'
U RNA linking URIDINE-5'-MONOPHOSPHATE 'C9 H13 N2 O9 P'
#
# COMPACT_ATOMS: atom_id res chain seq x y z
N LYS D 1 7.99 5.34 24.11
CA LYS D 1 7.00 4.94 25.15
C LYS D 1 5.60 5.04 24.59
N ALA D 2 8.08 4.94 23.04
CA ALA D 2 9.21 4.68 22.14
C ALA D 2 9.24 5.60 20.93
N LYS D 3 10.39 5.59 20.26
CA LYS D 3 10.56 6.39 19.04
C LYS D 3 10.06 5.58 17.84
N LYS D 4 8.98 6.02 17.26
CA LYS D 4 8.37 5.31 16.10
C LYS D 4 8.29 3.79 16.21
N SER D 5 6.31 2.11 18.75
CA SER D 5 7.12 1.74 17.61
C SER D 5 6.42 2.29 16.36
N GLY D 6 6.32 1.49 15.29
CA GLY D 6 5.67 1.93 14.05
C GLY D 6 5.18 0.80 13.15
N GLU D 7 6.30 0.35 12.55
CA GLU D 7 6.15 -0.67 11.51
C GLU D 7 7.20 -1.78 11.52
N ASN D 8 7.28 -2.48 12.63
CA ASN D 8 8.26 -3.57 12.78
C ASN D 8 7.55 -4.81 12.23
N ILE D 9 6.38 -4.52 11.94
CA ILE D 9 5.56 -5.32 11.03
C ILE D 9 6.14 -5.40 9.63
N ASN D 10 6.23 -4.25 8.97
CA ASN D 10 6.74 -4.15 7.62
C ASN D 10 8.04 -4.91 7.40
N ASN D 11 9.04 -4.69 8.26
CA ASN D 11 10.30 -5.38 8.14
C ASN D 11 10.18 -6.84 8.58
N LYS D 12 9.20 -7.12 9.44
CA LYS D 12 8.96 -8.45 9.95
C LYS D 12 8.52 -9.38 8.84
N LEU D 13 7.54 -8.93 8.03
CA LEU D 13 7.04 -9.72 6.93
C LEU D 13 7.99 -9.57 5.76
N GLN D 14 8.82 -8.53 5.81
CA GLN D 14 9.79 -8.27 4.78
C GLN D 14 10.69 -9.48 4.61
N LEU D 15 11.11 -10.05 5.74
CA LEU D 15 11.97 -11.22 5.74
C LEU D 15 11.25 -12.41 5.15
N VAL D 16 10.05 -12.69 5.66
CA VAL D 16 9.23 -13.80 5.19
C VAL D 16 9.26 -13.94 3.68
N MET D 17 9.28 -12.79 2.99
CA MET D 17 9.30 -12.76 1.55
C MET D 17 10.47 -13.54 0.96
N LYS D 18 11.58 -13.60 1.68
CA LYS D 18 12.76 -14.32 1.23
C LYS D 18 13.04 -15.59 2.02
N SER D 19 12.63 -15.62 3.29
CA SER D 19 12.85 -16.77 4.13
C SER D 19 11.95 -17.95 3.77
N GLY D 20 10.12 -17.90 4.25
CA GLY D 20 9.32 -19.04 3.46
C GLY D 20 8.24 -19.75 4.30
N LYS D 21 6.82 -22.40 6.18
CA LYS D 21 5.84 -22.24 5.13
C LYS D 21 4.86 -21.12 5.40
N TYR D 22 4.08 -20.76 4.37
CA TYR D 22 3.10 -19.70 4.46
C TYR D 22 2.31 -19.62 3.15
N THR D 23 1.13 -18.99 3.21
CA THR D 23 0.29 -18.85 2.03
C THR D 23 -0.45 -17.53 2.04
N LEU D 24 -0.61 -16.91 0.87
CA LEU D 24 -1.29 -15.64 0.74
C LEU D 24 -2.61 -15.85 0.03
N GLY D 25 -3.46 -14.82 -0.01
CA GLY D 25 -4.72 -14.92 -0.71
C GLY D 25 -5.86 -15.37 0.17
N TYR D 26 -7.06 -14.87 -0.13
CA TYR D 26 -8.25 -15.19 0.62
C TYR D 26 -8.60 -16.67 0.60
N LYS D 27 -8.95 -17.19 -0.57
CA LYS D 27 -9.31 -18.58 -0.74
C LYS D 27 -8.39 -19.57 -0.09
N THR D 28 -7.09 -19.48 -0.43
CA THR D 28 -6.11 -20.40 0.13
C THR D 28 -6.10 -20.31 1.65
N VAL D 29 -6.35 -19.12 2.20
CA VAL D 29 -6.38 -18.93 3.65
C VAL D 29 -7.60 -19.61 4.22
N LEU D 30 -8.77 -19.37 3.61
CA LEU D 30 -10.01 -19.96 4.05
C LEU D 30 -9.88 -21.47 4.01
N LYS D 31 -9.11 -21.96 3.04
CA LYS D 31 -8.87 -23.36 2.86
C LYS D 31 -8.01 -23.84 4.01
N THR D 32 -6.91 -23.14 4.27
CA THR D 32 -5.98 -23.49 5.33
C THR D 32 -6.72 -23.58 6.66
N LEU D 33 -7.68 -22.68 6.86
CA LEU D 33 -8.46 -22.66 8.07
C LEU D 33 -9.29 -23.92 8.16
N ARG D 34 -10.11 -24.18 7.15
CA ARG D 34 -10.94 -25.38 7.13
C ARG D 34 -10.13 -26.65 7.26
N SER D 35 -8.96 -26.70 6.61
CA SER D 35 -8.10 -27.85 6.71
C SER D 35 -7.43 -27.89 8.05
N SER D 36 -7.48 -26.76 8.77
CA SER D 36 -6.90 -26.67 10.08
C SER D 36 -5.38 -26.69 10.07
N LYS D 37 -4.77 -26.30 8.96
CA LYS D 37 -3.34 -26.28 8.83
C LYS D 37 -2.75 -24.94 9.25
N GLY D 38 -3.46 -23.87 8.98
CA GLY D 38 -3.02 -22.52 9.33
C GLY D 38 -2.71 -22.42 10.80
N LYS D 39 -1.79 -21.52 11.15
CA LYS D 39 -1.42 -21.30 12.53
C LYS D 39 -1.88 -19.94 12.93
N LEU D 40 -1.72 -18.94 12.02
CA LEU D 40 -2.12 -17.58 12.31
C LEU D 40 -2.62 -16.93 11.04
N ILE D 41 -3.49 -15.91 11.20
CA ILE D 41 -4.07 -15.20 10.08
C ILE D 41 -3.92 -13.70 10.24
N ILE D 42 -3.17 -13.06 9.32
CA ILE D 42 -2.96 -11.62 9.38
C ILE D 42 -3.88 -10.94 8.40
N LEU D 43 -4.69 -9.97 8.87
CA LEU D 43 -5.62 -9.26 8.03
C LEU D 43 -5.29 -7.78 7.87
N ALA D 44 -5.41 -7.27 6.64
CA ALA D 44 -5.16 -5.87 6.36
C ALA D 44 -6.25 -5.00 6.95
N ASN D 45 -5.89 -3.78 7.36
CA ASN D 45 -6.82 -2.85 7.96
C ASN D 45 -8.06 -2.57 7.13
N ASN D 46 -7.86 -2.09 5.90
CA ASN D 46 -8.96 -1.77 5.02
C ASN D 46 -9.85 -2.97 4.71
N CYS D 47 -9.25 -4.09 4.29
CA CYS D 47 -9.90 -5.32 3.91
C CYS D 47 -11.44 -5.26 3.90
N PRO D 48 -12.06 -5.49 2.71
CA PRO D 48 -13.49 -5.50 2.45
C PRO D 48 -14.41 -6.01 3.55
N PRO D 49 -15.63 -5.45 3.60
CA PRO D 49 -16.61 -5.91 4.59
C PRO D 49 -17.17 -7.26 4.29
N LEU D 50 -17.54 -8.02 5.32
CA LEU D 50 -18.06 -9.36 5.15
C LEU D 50 -17.06 -10.27 4.46
N ARG D 51 -15.99 -9.68 3.91
CA ARG D 51 -14.94 -10.39 3.25
C ARG D 51 -13.96 -10.70 4.36
N LYS D 52 -14.04 -9.91 5.43
CA LYS D 52 -13.21 -10.06 6.58
C LYS D 52 -13.95 -10.91 7.60
N SER D 53 -15.28 -10.76 7.64
CA SER D 53 -16.12 -11.52 8.56
C SER D 53 -16.02 -13.00 8.23
N GLU D 54 -15.79 -13.32 6.95
CA GLU D 54 -15.64 -14.69 6.53
C GLU D 54 -14.44 -15.27 7.24
N ILE D 55 -13.25 -14.71 6.95
CA ILE D 55 -12.02 -15.15 7.57
C ILE D 55 -12.17 -15.23 9.08
N GLU D 56 -13.01 -14.37 9.64
CA GLU D 56 -13.25 -14.32 11.07
C GLU D 56 -13.98 -15.52 11.61
N TYR D 57 -15.05 -15.95 10.93
CA TYR D 57 -15.80 -17.10 11.42
C TYR D 57 -14.94 -18.33 11.35
N TYR D 58 -14.46 -18.66 10.14
CA TYR D 58 -13.65 -19.82 9.92
C TYR D 58 -12.36 -19.79 10.72
N ALA D 59 -11.95 -18.60 11.18
CA ALA D 59 -10.76 -18.51 12.01
C ALA D 59 -11.19 -18.98 13.38
N MET D 60 -12.43 -18.64 13.75
CA MET D 60 -13.03 -19.02 15.01
C MET D 60 -13.32 -20.51 15.03
N LEU D 61 -14.02 -21.01 14.01
CA LEU D 61 -14.33 -22.41 13.93
C LEU D 61 -13.08 -23.26 13.92
N ALA D 62 -12.01 -22.77 13.30
CA ALA D 62 -10.76 -23.50 13.22
C ALA D 62 -9.81 -23.18 14.34
N LYS D 63 -10.25 -22.35 15.30
CA LYS D 63 -9.43 -21.97 16.42
C LYS D 63 -8.08 -21.40 15.97
N ILE D 64 -8.10 -20.52 14.98
CA ILE D 64 -6.90 -19.92 14.47
C ILE D 64 -6.76 -18.50 15.01
N SER D 65 -5.55 -18.15 15.45
CA SER D 65 -5.28 -16.84 15.98
C SER D 65 -5.32 -15.82 14.86
N VAL D 66 -6.00 -14.69 15.09
CA VAL D 66 -6.12 -13.63 14.11
C VAL D 66 -5.37 -12.37 14.52
N HIS D 67 -4.31 -12.03 13.80
CA HIS D 67 -3.52 -10.85 14.07
C HIS D 67 -3.90 -9.77 13.09
N HIS D 68 -4.66 -8.76 13.55
CA HIS D 68 -5.05 -7.67 12.67
C HIS D 68 -3.87 -6.77 12.40
N PHE D 69 -3.52 -6.64 11.11
CA PHE D 69 -2.40 -5.82 10.69
C PHE D 69 -2.77 -4.35 10.76
N HIS D 70 -2.79 -6.12 8.31
CA HIS D 70 -2.83 -5.75 6.87
C HIS D 70 -3.65 -4.49 6.69
N GLY D 71 -2.02 -5.42 4.48
CA GLY D 71 -1.16 -6.08 3.50
C GLY D 71 -0.73 -5.07 2.42
N ASN D 72 0.27 -5.49 1.62
CA ASN D 72 0.66 -4.58 0.53
C ASN D 72 1.95 -5.07 -0.13
N ASN D 73 2.67 -4.06 -0.61
CA ASN D 73 3.91 -4.39 -1.38
C ASN D 73 5.12 -3.78 -0.67
N VAL D 74 6.19 -4.48 -1.21
CA VAL D 74 7.36 -3.71 -0.77
C VAL D 74 6.97 -2.38 -1.39
N ASP D 75 6.23 -1.60 -0.60
CA ASP D 75 5.75 -0.28 -0.99
C ASP D 75 6.66 0.73 -1.71
N LEU D 76 7.88 0.81 -1.21
CA LEU D 76 8.90 1.71 -1.75
C LEU D 76 9.28 1.38 -3.20
N GLY D 77 9.55 0.14 -3.55
CA GLY D 77 9.91 -0.34 -4.90
C GLY D 77 8.76 -0.37 -5.91
N THR D 78 7.67 -1.01 -5.49
CA THR D 78 6.49 -1.15 -6.38
C THR D 78 5.78 0.20 -6.49
N ALA D 79 5.84 0.97 -5.43
CA ALA D 79 5.47 2.39 -5.50
C ALA D 79 6.11 3.21 -6.62
N CYS D 80 6.89 3.61 -6.67
CA CYS D 80 7.60 3.68 -7.95
C CYS D 80 6.90 2.82 -9.03
N GLY D 81 7.52 1.79 -9.50
CA GLY D 81 6.75 0.95 -10.44
C GLY D 81 6.11 -0.32 -9.87
N LYS D 82 5.77 -0.32 -8.59
CA LYS D 82 5.61 -1.60 -7.88
C LYS D 82 4.59 -1.61 -6.74
N TYR D 83 3.54 -2.45 -6.02
CA TYR D 83 2.92 -3.62 -5.46
C TYR D 83 2.16 -4.80 -6.06
N TYR D 84 2.52 -7.00 -5.40
CA TYR D 84 1.09 -6.94 -5.35
C TYR D 84 0.57 -6.83 -3.91
N ARG D 85 -0.67 -6.36 -3.78
CA ARG D 85 -1.32 -6.21 -2.50
C ARG D 85 -1.76 -7.55 -1.93
N VAL D 86 -1.93 -7.62 -0.60
CA VAL D 86 -2.37 -8.83 0.07
C VAL D 86 -3.31 -8.43 1.21
N CYS D 87 -4.52 -9.00 1.22
CA CYS D 87 -5.48 -8.68 2.26
C CYS D 87 -5.39 -9.61 3.45
N CYS D 88 -4.63 -10.71 3.29
CA CYS D 88 -4.48 -11.68 4.35
C CYS D 88 -3.33 -12.60 4.03
N LEU D 89 -2.72 -13.18 5.07
CA LEU D 89 -1.62 -14.10 4.91
C LEU D 89 -1.85 -15.21 5.92
N SER D 90 -1.46 -16.45 5.60
CA SER D 90 -1.61 -17.54 6.51
C SER D 90 -0.31 -18.25 6.88
N ILE D 91 0.03 -18.17 8.17
CA ILE D 91 1.22 -18.81 8.70
C ILE D 91 0.98 -20.30 8.83
N LEU D 92 1.13 -20.82 7.83
CA LEU D 92 1.46 -22.26 7.86
C LEU D 92 2.99 -22.37 7.93
N ASP D 93 3.70 -21.34 7.54
CA ASP D 93 5.13 -21.20 7.53
C ASP D 93 5.53 -19.84 8.19
N PRO D 94 6.11 -19.40 9.13
CA PRO D 94 7.17 -18.46 9.36
C PRO D 94 8.42 -19.26 9.64
N GLY D 95 9.56 -18.77 9.14
CA GLY D 95 10.81 -19.48 9.33
C GLY D 95 11.72 -18.81 10.31
N ASP D 96 12.75 -18.14 9.82
CA ASP D 96 13.72 -17.44 10.61
C ASP D 96 13.12 -16.22 11.30
N SER D 97 11.78 -16.08 11.26
CA SER D 97 11.09 -14.97 11.88
C SER D 97 10.49 -15.35 13.22
N ASP D 98 9.56 -14.53 13.73
CA ASP D 98 8.94 -14.78 15.01
C ASP D 98 7.62 -14.07 15.22
N ILE D 99 7.09 -13.45 14.16
CA ILE D 99 5.83 -12.73 14.22
C ILE D 99 4.73 -13.55 14.88
N ILE D 100 4.88 -14.89 14.86
CA ILE D 100 3.92 -15.77 15.45
C ILE D 100 3.81 -15.53 16.94
N SER D 101 4.96 -15.45 17.62
CA SER D 101 5.03 -15.26 19.04
C SER D 101 4.24 -14.03 19.47
N THR D 102 4.31 -13.68 20.76
CA THR D 102 3.60 -12.54 21.30
C THR D 102 3.51 -11.37 20.34
N THR D 103 2.81 -11.49 19.24
CA THR D 103 2.33 -10.33 18.47
C THR D 103 1.03 -10.65 17.70
N THR D 104 0.07 -10.50 17.66
CA THR D 104 -1.29 -10.03 17.30
C THR D 104 -1.93 -9.37 18.50
N ILE E 1 -15.09 14.41 -22.91
CA ILE E 1 -15.24 15.65 -22.24
C ILE E 1 -16.13 16.57 -23.05
N VAL E 2 -15.90 17.89 -22.93
CA VAL E 2 -16.63 18.93 -23.57
C VAL E 2 -16.46 18.99 -25.08
N GLY E 3 -15.58 18.16 -25.66
CA GLY E 3 -15.36 18.16 -27.09
C GLY E 3 -16.60 17.86 -27.89
N LYS E 4 -17.58 17.16 -27.29
CA LYS E 4 -18.81 16.82 -27.98
C LYS E 4 -19.64 18.04 -28.31
N TYR E 5 -19.34 19.18 -27.65
CA TYR E 5 -20.05 20.43 -27.82
C TYR E 5 -19.57 21.27 -28.97
N GLY E 6 -18.54 20.84 -29.71
CA GLY E 6 -18.05 21.61 -30.83
C GLY E 6 -17.71 23.03 -30.41
N THR E 7 -17.97 24.05 -31.27
CA THR E 7 -17.65 25.42 -30.99
C THR E 7 -18.82 26.16 -30.34
N ARG E 8 -19.75 25.42 -29.70
CA ARG E 8 -20.93 25.97 -29.11
C ARG E 8 -20.81 26.17 -27.61
N TYR E 9 -21.67 27.08 -27.07
CA TYR E 9 -21.85 27.31 -25.66
C TYR E 9 -20.86 28.23 -24.94
N GLY E 10 -19.63 28.41 -25.46
CA GLY E 10 -18.68 29.30 -24.82
C GLY E 10 -17.77 28.62 -23.85
N ALA E 11 -16.70 29.32 -23.42
CA ALA E 11 -15.65 28.84 -22.55
C ALA E 11 -16.10 28.33 -21.19
N SER E 12 -16.63 29.18 -20.32
CA SER E 12 -17.02 28.80 -18.99
C SER E 12 -17.94 27.60 -18.95
N LEU E 13 -19.03 27.63 -19.73
CA LEU E 13 -19.96 26.55 -19.76
C LEU E 13 -19.27 25.24 -20.01
N ARG E 14 -18.46 25.09 -21.05
CA ARG E 14 -17.88 23.82 -21.33
C ARG E 14 -16.62 23.56 -20.54
N LYS E 15 -15.91 24.54 -20.03
CA LYS E 15 -14.75 24.27 -19.22
C LYS E 15 -15.19 23.62 -17.94
N GLN E 16 -16.35 24.04 -17.40
CA GLN E 16 -16.89 23.49 -16.18
C GLN E 16 -17.51 22.12 -16.39
N ILE E 17 -18.05 21.84 -17.58
CA ILE E 17 -18.66 20.55 -17.86
C ILE E 17 -17.54 19.52 -17.89
N LYS E 18 -16.38 19.90 -18.44
CA LYS E 18 -15.23 19.04 -18.53
C LYS E 18 -14.65 18.81 -17.15
N LYS E 19 -14.51 19.89 -16.36
CA LYS E 19 -13.99 19.81 -15.02
C LYS E 19 -14.84 18.90 -14.17
N MET E 20 -16.14 19.15 -14.13
CA MET E 20 -17.06 18.38 -13.34
C MET E 20 -17.03 16.93 -13.78
N GLU E 21 -17.16 16.68 -15.09
CA GLU E 21 -17.18 15.35 -15.61
C GLU E 21 -15.86 14.59 -15.50
N VAL E 22 -14.70 15.27 -15.51
CA VAL E 22 -13.44 14.58 -15.40
C VAL E 22 -13.36 13.98 -14.00
N SER E 23 -13.69 14.79 -12.96
CA SER E 23 -13.69 14.38 -11.59
C SER E 23 -14.65 13.30 -11.53
N GLN E 24 -15.85 13.49 -12.07
CA GLN E 24 -16.97 12.61 -12.16
C GLN E 24 -16.51 11.24 -12.57
N HIS E 25 -15.74 11.13 -13.66
CA HIS E 25 -15.32 9.89 -14.27
C HIS E 25 -14.04 9.31 -13.69
N SER E 26 -13.39 9.99 -12.72
CA SER E 26 -12.19 9.51 -12.09
C SER E 26 -12.44 8.22 -11.37
N LYS E 27 -11.38 7.46 -11.09
CA LYS E 27 -11.50 6.27 -10.32
C LYS E 27 -11.82 6.68 -8.94
N TYR E 28 -12.82 6.02 -8.31
CA TYR E 28 -13.21 6.41 -6.98
C TYR E 28 -13.04 5.24 -6.04
N PHE E 29 -12.54 5.52 -4.82
CA PHE E 29 -12.25 4.50 -3.86
C PHE E 29 -13.45 4.11 -3.03
N CYS E 30 -13.92 2.88 -3.20
CA CYS E 30 -15.07 2.36 -2.52
C CYS E 30 -14.99 2.45 -1.01
N GLU E 31 -16.11 2.81 -0.35
CA GLU E 31 -16.19 2.96 1.08
C GLU E 31 -16.16 1.63 1.83
N PHE E 32 -16.85 0.60 1.29
CA PHE E 32 -16.91 -0.72 1.89
C PHE E 32 -15.56 -1.39 1.79
N CYS E 33 -15.17 -1.87 0.59
CA CYS E 33 -13.85 -2.41 0.40
C CYS E 33 -13.01 -1.19 0.22
N GLY E 34 -11.79 -1.29 -0.33
CA GLY E 34 -10.99 -0.09 -0.48
C GLY E 34 -10.59 0.12 -1.91
N LYS E 35 -11.10 -0.73 -2.81
CA LYS E 35 -10.75 -0.69 -4.21
C LYS E 35 -11.31 0.49 -4.95
N PHE E 36 -10.54 0.97 -5.95
CA PHE E 36 -10.89 2.11 -6.76
C PHE E 36 -11.76 1.67 -7.91
N ALA E 37 -12.98 1.17 -7.61
CA ALA E 37 -13.88 0.68 -8.61
C ALA E 37 -15.30 1.20 -8.46
N VAL E 38 -15.45 2.48 -8.03
CA VAL E 38 -16.74 3.11 -7.86
C VAL E 38 -17.07 3.92 -9.09
N LYS E 39 -18.25 3.66 -9.68
CA LYS E 39 -18.70 4.39 -10.83
C LYS E 39 -20.07 4.94 -10.58
N ARG E 40 -20.38 6.10 -11.18
CA ARG E 40 -21.65 6.73 -11.04
C ARG E 40 -22.68 5.89 -11.76
N LYS E 41 -23.83 5.65 -11.12
CA LYS E 41 -24.90 4.89 -11.71
C LYS E 41 -25.99 5.79 -12.17
N ALA E 42 -26.02 7.04 -11.65
CA ALA E 42 -27.07 8.00 -11.97
C ALA E 42 -26.59 9.14 -11.11
N VAL E 43 -26.72 10.38 -11.41
CA VAL E 43 -26.10 11.41 -10.56
C VAL E 43 -26.50 11.26 -9.12
N GLY E 44 -25.47 11.22 -8.22
CA GLY E 44 -25.74 10.94 -6.82
C GLY E 44 -25.88 9.54 -6.42
N ILE E 45 -26.04 8.61 -7.38
CA ILE E 45 -26.00 7.19 -7.12
C ILE E 45 -24.67 6.61 -7.56
N TRP E 46 -23.97 5.93 -6.62
CA TRP E 46 -22.67 5.34 -6.91
C TRP E 46 -22.62 3.86 -6.62
N GLY E 47 -21.81 3.10 -7.38
CA GLY E 47 -21.70 1.67 -7.19
C GLY E 47 -20.32 1.13 -7.48
N CYS E 48 -19.90 0.10 -6.72
CA CYS E 48 -18.64 -0.50 -6.96
C CYS E 48 -18.80 -1.74 -7.78
N LYS E 49 -18.10 -1.80 -8.91
CA LYS E 49 -18.22 -2.90 -9.82
C LYS E 49 -17.55 -4.14 -9.28
N ASP E 50 -16.74 -3.96 -8.23
CA ASP E 50 -16.02 -5.02 -7.58
C ASP E 50 -16.90 -5.81 -6.63
N CYS E 51 -17.48 -5.14 -5.61
CA CYS E 51 -18.31 -5.83 -4.65
C CYS E 51 -19.78 -5.51 -4.80
N GLY E 52 -20.14 -4.53 -5.64
CA GLY E 52 -21.54 -4.22 -5.89
C GLY E 52 -22.15 -3.18 -4.99
N LYS E 53 -21.46 -2.74 -3.95
CA LYS E 53 -21.93 -1.75 -3.01
C LYS E 53 -22.49 -0.51 -3.70
N VAL E 54 -23.77 -0.22 -3.44
CA VAL E 54 -24.47 0.90 -4.03
C VAL E 54 -24.63 1.99 -2.97
N LYS E 55 -24.01 3.16 -3.19
CA LYS E 55 -24.00 4.26 -2.23
C LYS E 55 -24.72 5.52 -2.68
N ALA E 56 -25.07 6.36 -1.68
CA ALA E 56 -25.64 7.66 -1.88
C ALA E 56 -24.44 8.58 -1.77
N GLY E 57 -24.29 9.52 -2.72
CA GLY E 57 -23.17 10.44 -2.69
C GLY E 57 -23.59 11.75 -3.27
N GLY E 58 -22.62 12.55 -3.77
CA GLY E 58 -22.95 13.82 -4.36
C GLY E 58 -23.48 13.57 -5.72
N ALA E 59 -23.80 14.61 -6.50
CA ALA E 59 -24.36 14.43 -7.81
C ALA E 59 -23.33 14.04 -8.84
N TYR E 60 -22.12 14.62 -8.73
CA TYR E 60 -21.07 14.36 -9.68
C TYR E 60 -19.81 13.89 -8.98
N THR E 61 -19.87 13.68 -7.65
CA THR E 61 -18.77 13.20 -6.86
C THR E 61 -19.36 12.30 -5.81
N MET E 62 -18.69 11.21 -5.42
CA MET E 62 -19.20 10.32 -4.43
C MET E 62 -19.25 10.97 -3.05
N ASN E 63 -18.32 11.89 -2.79
CA ASN E 63 -18.24 12.60 -1.53
C ASN E 63 -18.28 14.09 -1.73
N THR E 64 -19.05 14.81 -0.92
CA THR E 64 -19.14 16.23 -1.04
C THR E 64 -18.42 16.83 0.15
N ALA E 65 -18.05 18.11 0.07
CA ALA E 65 -17.36 18.78 1.16
C ALA E 65 -18.17 18.75 2.44
N SER E 66 -19.51 18.67 2.32
CA SER E 66 -20.37 18.66 3.46
C SER E 66 -20.57 17.28 4.03
N ALA E 67 -20.61 16.25 3.18
CA ALA E 67 -20.77 14.90 3.64
C ALA E 67 -19.56 14.51 4.43
N VAL E 68 -18.41 15.11 4.22
CA VAL E 68 -17.20 14.83 4.96
C VAL E 68 -17.26 15.44 6.34
N THR E 69 -17.83 16.64 6.47
CA THR E 69 -17.93 17.30 7.74
C THR E 69 -18.78 16.47 8.69
N VAL E 70 -19.74 15.70 8.15
CA VAL E 70 -20.62 14.87 8.92
C VAL E 70 -19.84 13.84 9.73
N ARG E 71 -18.95 13.09 9.06
CA ARG E 71 -18.17 12.04 9.64
C ARG E 71 -17.53 12.52 10.92
N SER E 72 -16.95 13.72 10.91
CA SER E 72 -16.35 14.29 12.08
C SER E 72 -17.40 14.54 13.13
N THR E 73 -18.11 15.67 13.02
CA THR E 73 -19.15 16.09 13.91
C THR E 73 -19.97 14.91 14.44
N SER F 1 39.52 -12.11 21.23
CA SER F 1 38.52 -11.11 21.12
C SER F 1 37.31 -11.77 20.50
N VAL F 2 36.70 -11.14 19.49
CA VAL F 2 35.42 -11.55 19.01
C VAL F 2 35.81 -11.75 17.59
N THR F 3 35.72 -13.02 17.13
CA THR F 3 36.25 -13.41 15.87
C THR F 3 35.22 -13.36 14.80
N GLY F 4 35.67 -13.21 13.54
CA GLY F 4 34.82 -13.05 12.39
C GLY F 4 33.76 -14.11 12.25
N SER F 5 34.02 -15.36 12.71
CA SER F 5 33.07 -16.42 12.52
C SER F 5 31.89 -16.13 13.39
N LYS F 6 32.14 -15.83 14.68
CA LYS F 6 31.10 -15.68 15.64
C LYS F 6 30.38 -14.37 15.41
N ILE F 7 30.94 -13.50 14.55
CA ILE F 7 30.40 -12.20 14.30
C ILE F 7 29.34 -12.45 13.27
N LEU F 8 29.65 -13.28 12.25
CA LEU F 8 28.74 -13.48 11.16
C LEU F 8 27.61 -14.34 11.57
N ARG F 9 27.84 -15.21 12.58
CA ARG F 9 26.78 -15.83 13.33
C ARG F 9 25.73 -14.81 13.66
N ILE F 10 26.13 -13.65 14.21
CA ILE F 10 25.19 -12.74 14.78
C ILE F 10 24.55 -12.03 13.62
N LEU F 11 25.31 -11.86 12.51
CA LEU F 11 24.85 -11.10 11.39
C LEU F 11 23.71 -11.89 10.83
N LYS F 12 23.88 -13.22 10.71
CA LYS F 12 22.94 -14.01 9.96
C LYS F 12 21.64 -14.08 10.67
N ALA F 13 21.62 -13.83 11.99
CA ALA F 13 20.39 -14.08 12.70
C ALA F 13 19.49 -12.97 12.37
N HIS F 14 20.07 -11.79 12.13
CA HIS F 14 19.33 -10.60 12.30
C HIS F 14 19.26 -9.90 11.00
N GLY F 15 20.03 -10.42 10.01
CA GLY F 15 19.90 -10.18 8.61
C GLY F 15 18.49 -9.95 8.22
N LEU F 16 21.40 -8.53 8.64
CA LEU F 16 22.08 -7.38 9.23
C LEU F 16 21.46 -6.07 8.75
N ALA F 17 20.81 -5.37 9.64
CA ALA F 17 20.15 -4.11 9.30
C ALA F 17 20.87 -2.89 9.85
N PRO F 18 22.14 -3.02 10.19
CA PRO F 18 22.85 -1.97 10.94
C PRO F 18 23.25 -0.73 10.14
N GLU F 19 23.32 -0.90 8.59
CA GLU F 19 23.53 0.43 7.96
C GLU F 19 23.70 0.63 6.48
N ILE F 20 23.33 1.60 5.55
CA ILE F 20 24.31 1.78 4.29
C ILE F 20 23.59 1.75 2.93
N PRO F 21 24.42 1.09 -0.02
CA PRO F 21 23.44 1.91 -0.74
C PRO F 21 22.07 1.87 -0.03
N GLU F 22 20.99 0.68 1.52
CA GLU F 22 20.52 1.42 2.64
C GLU F 22 20.14 2.84 2.36
N ASP F 23 21.05 3.69 1.82
CA ASP F 23 20.83 5.09 1.57
C ASP F 23 19.61 5.23 0.71
N LEU F 24 19.50 4.38 -0.32
CA LEU F 24 18.48 4.56 -1.30
C LEU F 24 17.23 4.22 -0.59
N TYR F 25 17.21 3.07 0.11
CA TYR F 25 16.02 2.49 0.63
C TYR F 25 15.44 3.33 1.70
N PHE F 26 16.32 3.97 2.47
CA PHE F 26 15.95 4.82 3.56
C PHE F 26 15.24 6.00 2.97
N LEU F 27 15.69 6.49 1.81
CA LEU F 27 15.08 7.66 1.27
C LEU F 27 13.81 7.29 0.62
N ILE F 28 13.66 6.06 0.10
CA ILE F 28 12.39 5.59 -0.40
C ILE F 28 11.42 5.67 0.73
N LYS F 29 11.80 5.22 1.95
CA LYS F 29 10.93 5.29 3.09
C LYS F 29 10.56 6.71 3.43
N LYS F 30 11.40 7.66 3.04
CA LYS F 30 11.17 9.00 3.44
C LYS F 30 10.15 9.43 2.44
N ALA F 31 10.45 9.24 1.14
CA ALA F 31 9.63 9.64 0.05
C ALA F 31 8.25 9.13 0.23
N VAL F 32 8.08 7.83 0.56
CA VAL F 32 6.78 7.20 0.62
C VAL F 32 5.93 7.89 1.65
N ALA F 33 6.52 8.32 2.78
CA ALA F 33 5.69 8.73 3.87
C ALA F 33 5.38 10.17 3.65
N ILE F 34 6.23 10.87 2.86
CA ILE F 34 6.11 12.25 2.58
C ILE F 34 5.03 12.34 1.54
N ARG F 35 5.04 11.44 0.53
CA ARG F 35 4.02 11.42 -0.48
C ARG F 35 2.69 11.23 0.11
N LYS F 36 2.57 10.33 1.10
CA LYS F 36 1.32 10.09 1.76
C LYS F 36 0.91 11.30 2.54
N HIS F 37 1.88 12.07 3.05
CA HIS F 37 1.58 13.20 3.89
C HIS F 37 0.97 14.19 2.95
N LEU F 38 1.57 14.33 1.74
CA LEU F 38 1.19 15.30 0.76
C LEU F 38 0.03 14.83 -0.09
N GLU F 39 -0.52 13.62 0.19
CA GLU F 39 -1.74 13.16 -0.41
C GLU F 39 -2.84 13.95 0.22
N ARG F 40 -2.61 14.34 1.49
CA ARG F 40 -3.50 15.22 2.17
C ARG F 40 -2.74 16.47 2.03
N ASN F 41 -3.12 17.55 2.75
CA ASN F 41 -2.20 18.67 2.87
C ASN F 41 -1.66 19.13 1.54
N ARG F 42 -2.55 19.34 0.53
CA ARG F 42 -2.13 19.61 -0.81
C ARG F 42 -1.59 21.01 -0.96
N LYS F 43 -1.41 21.73 0.14
CA LYS F 43 -1.32 23.15 0.11
C LYS F 43 0.02 23.46 0.70
N ASP F 44 0.85 22.42 0.90
CA ASP F 44 2.04 22.55 1.67
C ASP F 44 2.99 22.40 0.56
N LYS F 45 3.52 23.54 0.16
CA LYS F 45 4.15 23.68 -1.11
C LYS F 45 5.57 23.51 -0.73
N ASP F 46 5.87 23.76 0.56
CA ASP F 46 7.18 24.12 0.93
C ASP F 46 7.73 22.76 1.12
N SER F 47 7.05 21.87 1.88
CA SER F 47 7.55 20.54 2.08
C SER F 47 7.45 19.73 0.82
N LYS F 48 6.57 20.12 -0.13
CA LYS F 48 6.51 19.47 -1.40
C LYS F 48 7.79 19.70 -2.14
N PHE F 49 8.42 20.87 -1.98
CA PHE F 49 9.69 21.16 -2.59
C PHE F 49 10.72 20.22 -2.05
N ARG F 50 10.55 19.75 -0.81
CA ARG F 50 11.54 18.91 -0.20
C ARG F 50 11.35 17.54 -0.79
N LEU F 51 10.15 17.25 -1.33
CA LEU F 51 9.86 15.95 -1.86
C LEU F 51 10.58 15.91 -3.16
N ILE F 52 10.48 16.99 -3.96
CA ILE F 52 11.05 17.05 -5.29
C ILE F 52 12.52 16.76 -5.16
N LEU F 53 13.16 17.32 -4.13
CA LEU F 53 14.58 17.19 -3.97
C LEU F 53 14.94 15.84 -3.42
N VAL F 54 13.99 15.12 -2.78
CA VAL F 54 14.30 13.82 -2.24
C VAL F 54 14.39 12.93 -3.45
N GLU F 55 13.43 13.10 -4.39
CA GLU F 55 13.24 12.22 -5.50
C GLU F 55 14.43 12.39 -6.38
N SER F 56 14.85 13.65 -6.58
CA SER F 56 16.04 13.94 -7.30
C SER F 56 17.23 13.23 -6.75
N ARG F 57 17.42 13.21 -5.41
CA ARG F 57 18.67 12.75 -4.85
C ARG F 57 18.71 11.27 -5.05
N ILE F 58 17.54 10.62 -4.92
CA ILE F 58 17.35 9.20 -5.05
C ILE F 58 17.86 8.82 -6.40
N HIS F 59 17.40 9.52 -7.45
CA HIS F 59 17.83 9.23 -8.79
C HIS F 59 19.31 9.35 -8.93
N ARG F 60 19.97 10.27 -8.22
CA ARG F 60 21.34 10.55 -8.53
C ARG F 60 22.14 9.44 -7.90
N LEU F 61 21.66 8.90 -6.78
CA LEU F 61 22.28 7.78 -6.14
C LEU F 61 22.15 6.56 -6.98
N ALA F 62 20.98 6.37 -7.61
CA ALA F 62 20.72 5.22 -8.41
C ALA F 62 21.62 5.26 -9.58
N ARG F 63 21.71 6.42 -10.25
CA ARG F 63 22.49 6.58 -11.44
C ARG F 63 23.92 6.38 -11.10
N TYR F 64 24.34 6.82 -9.89
CA TYR F 64 25.68 6.68 -9.41
C TYR F 64 25.93 5.23 -9.37
N TYR F 65 25.05 4.47 -8.69
CA TYR F 65 25.29 3.09 -8.48
C TYR F 65 25.36 2.45 -9.80
N LYS F 66 24.41 2.70 -10.74
CA LYS F 66 24.28 2.00 -12.02
C LYS F 66 25.53 2.11 -12.79
N ARG F 67 26.27 3.18 -12.52
CA ARG F 67 27.33 3.59 -13.35
C ARG F 67 28.47 2.87 -12.74
N THR F 68 28.68 3.02 -11.42
CA THR F 68 29.95 2.68 -10.87
C THR F 68 30.01 1.21 -10.65
N LYS F 69 28.72 0.45 -11.37
CA LYS F 69 28.52 -0.99 -11.44
C LYS F 69 27.64 -1.34 -12.68
N LYS F 70 27.62 -2.27 -13.53
CA LYS F 70 26.59 -2.46 -14.55
C LYS F 70 25.41 -3.30 -14.02
N LEU F 71 25.54 -3.89 -12.92
CA LEU F 71 24.61 -4.73 -12.21
C LEU F 71 23.74 -3.82 -11.36
N PRO F 72 24.15 -3.05 -10.35
CA PRO F 72 23.15 -2.31 -9.60
C PRO F 72 22.48 -1.19 -10.36
N PRO F 73 22.97 -0.55 -11.41
CA PRO F 73 22.19 0.52 -11.97
C PRO F 73 21.10 -0.02 -12.83
N THR F 74 21.09 -1.33 -13.11
CA THR F 74 19.96 -2.01 -13.69
C THR F 74 18.78 -1.64 -12.84
N TRP F 75 18.70 -2.26 -11.63
CA TRP F 75 17.54 -2.20 -10.79
C TRP F 75 17.23 -0.79 -10.49
N LYS F 76 18.26 0.00 -10.16
CA LYS F 76 18.09 1.33 -9.68
C LYS F 76 17.38 2.18 -10.67
N TYR F 77 17.61 1.98 -11.99
CA TYR F 77 17.10 2.93 -12.94
C TYR F 77 15.64 2.64 -13.05
N GLU F 78 15.27 1.40 -12.75
CA GLU F 78 13.96 0.90 -13.02
C GLU F 78 13.16 1.28 -11.82
N SER F 79 13.68 1.04 -10.58
CA SER F 79 12.88 1.23 -9.41
C SER F 79 12.63 2.68 -9.16
N THR F 80 13.43 3.59 -9.75
CA THR F 80 13.22 4.99 -9.58
C THR F 80 12.24 5.50 -10.59
N THR F 81 11.79 4.64 -11.52
CA THR F 81 11.03 5.03 -12.66
C THR F 81 11.74 6.19 -13.33
N ALA F 82 13.05 6.03 -13.60
CA ALA F 82 13.85 7.17 -13.96
C ALA F 82 14.31 6.71 -15.28
N SER F 83 14.61 7.67 -16.17
CA SER F 83 15.37 7.50 -17.38
C SER F 83 14.15 7.62 -18.25
N THR F 84 13.78 6.57 -18.99
CA THR F 84 12.84 6.68 -20.07
C THR F 84 12.61 5.28 -20.48
#